data_2BU7
#
_entry.id   2BU7
#
_cell.length_a   108.876
_cell.length_b   108.876
_cell.length_c   84.025
_cell.angle_alpha   90.00
_cell.angle_beta   90.00
_cell.angle_gamma   120.00
#
_symmetry.space_group_name_H-M   'P 64'
#
loop_
_entity.id
_entity.type
_entity.pdbx_description
1 polymer 'PYRUVATE DEHYDROGENASE KINASE ISOENZYME 2'
2 non-polymer 'N-(2-AMINOETHYL)-2-{3-CHLORO-4-[(4-ISOPROPYLBENZYL)OXY]PHENYL} ACETAMIDE'
3 water water
#
_entity_poly.entity_id   1
_entity_poly.type   'polypeptide(L)'
_entity_poly.pdbx_seq_one_letter_code
;GSAPKYIEHFSKFSPSPLSMKQFLDFGSSNACEKTSFTFLRQELPVRLANIMKEINLLPDRVLSTPSVQLVQSWYVQSLL
DIMEFLDKDPEDHRTLSQFTDALVTIRNRHNDVVPTMAQGVLEYKDTYGDDPVSNQNIQYFLDRFYLSRISIRMLINQHT
LIFDGSTNPAHPKHIGSIDPNCNVSEVVKDAYDMAKLLCDKYYMASPDLEIQEINAANSKQPIHMVYVPSHLYHMLFELF
KNAMRATVESHESSLILPPIKVMVALGEEDLSIKMSDRGGGVPLRKIERLFSYMYSTAPTPQPGTGGTPLAGFGYGLPIS
RLYAKYFQGDLQLFSMEGFGTDAVIYLKALSTDSVERLPVYNKSAWRHYQTIQEAGDWCVPSTEPKNTSTYRVS
;
_entity_poly.pdbx_strand_id   A
#
loop_
_chem_comp.id
_chem_comp.type
_chem_comp.name
_chem_comp.formula
TF3 non-polymer 'N-(2-AMINOETHYL)-2-{3-CHLORO-4-[(4-ISOPROPYLBENZYL)OXY]PHENYL} ACETAMIDE' 'C20 H25 Cl N2 O2'
#
# COMPACT_ATOMS: atom_id res chain seq x y z
N GLY A 1 -18.52 17.89 20.12
CA GLY A 1 -17.24 18.12 20.81
C GLY A 1 -16.79 16.91 21.58
N SER A 2 -16.97 15.73 20.99
CA SER A 2 -16.54 14.49 21.67
C SER A 2 -15.65 13.57 20.84
N ALA A 3 -14.94 14.12 19.86
CA ALA A 3 -14.06 13.30 19.04
C ALA A 3 -12.90 12.71 19.85
N PRO A 4 -12.26 13.52 20.71
CA PRO A 4 -11.14 13.02 21.53
C PRO A 4 -11.53 11.84 22.42
N LYS A 5 -12.78 11.86 22.90
CA LYS A 5 -13.29 10.79 23.76
C LYS A 5 -13.37 9.49 22.95
N TYR A 6 -14.01 9.58 21.79
CA TYR A 6 -14.16 8.44 20.90
C TYR A 6 -12.81 7.86 20.54
N ILE A 7 -11.90 8.73 20.11
CA ILE A 7 -10.57 8.30 19.73
C ILE A 7 -9.94 7.54 20.89
N GLU A 8 -10.10 8.07 22.10
CA GLU A 8 -9.53 7.43 23.28
C GLU A 8 -10.21 6.09 23.52
N HIS A 9 -11.52 6.04 23.32
CA HIS A 9 -12.27 4.82 23.52
C HIS A 9 -11.87 3.71 22.56
N PHE A 10 -12.03 3.95 21.26
CA PHE A 10 -11.71 2.96 20.26
C PHE A 10 -10.21 2.66 20.11
N SER A 11 -9.36 3.56 20.55
CA SER A 11 -7.92 3.34 20.47
C SER A 11 -7.53 2.28 21.49
N LYS A 12 -8.42 1.97 22.42
CA LYS A 12 -8.16 0.96 23.45
C LYS A 12 -8.32 -0.43 22.83
N PHE A 13 -8.93 -0.49 21.65
CA PHE A 13 -9.13 -1.75 20.96
C PHE A 13 -8.01 -2.01 19.94
N SER A 14 -7.73 -3.28 19.67
CA SER A 14 -6.72 -3.65 18.72
C SER A 14 -7.42 -4.02 17.41
N PRO A 15 -6.94 -3.48 16.27
CA PRO A 15 -7.61 -3.84 15.02
C PRO A 15 -7.50 -5.35 14.78
N SER A 16 -8.53 -5.92 14.16
CA SER A 16 -8.58 -7.36 13.89
C SER A 16 -8.21 -7.72 12.47
N PRO A 17 -7.02 -8.29 12.27
CA PRO A 17 -6.60 -8.66 10.92
C PRO A 17 -7.39 -9.83 10.31
N LEU A 18 -7.85 -9.65 9.08
CA LEU A 18 -8.61 -10.67 8.39
C LEU A 18 -7.70 -11.39 7.41
N SER A 19 -7.99 -12.67 7.18
CA SER A 19 -7.20 -13.46 6.25
C SER A 19 -7.88 -13.41 4.90
N MET A 20 -7.16 -13.78 3.85
CA MET A 20 -7.74 -13.76 2.54
C MET A 20 -8.91 -14.74 2.52
N LYS A 21 -8.82 -15.76 3.38
CA LYS A 21 -9.88 -16.76 3.47
C LYS A 21 -11.13 -16.12 4.05
N GLN A 22 -10.97 -15.40 5.17
CA GLN A 22 -12.09 -14.72 5.80
C GLN A 22 -12.75 -13.72 4.85
N PHE A 23 -11.93 -13.01 4.06
CA PHE A 23 -12.46 -12.04 3.11
C PHE A 23 -13.41 -12.71 2.12
N LEU A 24 -13.04 -13.91 1.66
CA LEU A 24 -13.86 -14.66 0.73
C LEU A 24 -15.20 -14.97 1.38
N ASP A 25 -15.16 -15.30 2.67
CA ASP A 25 -16.38 -15.60 3.42
C ASP A 25 -17.27 -14.36 3.52
N PHE A 26 -16.76 -13.29 4.13
CA PHE A 26 -17.54 -12.05 4.27
C PHE A 26 -18.16 -11.64 2.94
N GLY A 27 -17.47 -11.99 1.85
CA GLY A 27 -17.97 -11.64 0.53
C GLY A 27 -18.73 -12.77 -0.14
N SER A 28 -18.66 -13.97 0.44
CA SER A 28 -19.33 -15.15 -0.07
C SER A 28 -20.16 -14.88 -1.31
N SER A 29 -21.46 -14.77 -1.13
CA SER A 29 -22.39 -14.49 -2.22
C SER A 29 -23.68 -14.06 -1.55
N ASN A 30 -24.02 -14.76 -0.48
CA ASN A 30 -25.24 -14.48 0.28
C ASN A 30 -24.93 -14.05 1.71
N ALA A 31 -23.67 -14.12 2.11
CA ALA A 31 -23.29 -13.71 3.45
C ALA A 31 -23.82 -12.28 3.53
N CYS A 32 -24.99 -12.13 4.12
CA CYS A 32 -25.64 -10.84 4.24
C CYS A 32 -24.68 -9.70 4.57
N GLU A 33 -25.07 -8.50 4.22
CA GLU A 33 -24.26 -7.34 4.49
C GLU A 33 -24.47 -6.91 5.93
N LYS A 34 -25.44 -7.56 6.59
CA LYS A 34 -25.74 -7.26 7.98
C LYS A 34 -24.51 -7.63 8.78
N THR A 35 -23.95 -8.79 8.48
CA THR A 35 -22.77 -9.28 9.17
C THR A 35 -21.62 -8.32 8.90
N SER A 36 -21.55 -7.83 7.67
CA SER A 36 -20.50 -6.90 7.29
C SER A 36 -20.71 -5.53 7.94
N PHE A 37 -21.97 -5.11 8.02
CA PHE A 37 -22.32 -3.84 8.65
C PHE A 37 -21.98 -3.85 10.15
N THR A 38 -22.40 -4.90 10.84
CA THR A 38 -22.15 -5.01 12.28
C THR A 38 -20.65 -5.11 12.55
N PHE A 39 -19.92 -5.79 11.69
CA PHE A 39 -18.48 -5.91 11.87
C PHE A 39 -17.80 -4.57 11.59
N LEU A 40 -18.12 -3.97 10.46
CA LEU A 40 -17.50 -2.69 10.07
C LEU A 40 -17.84 -1.51 10.99
N ARG A 41 -19.00 -1.55 11.65
CA ARG A 41 -19.40 -0.49 12.58
C ARG A 41 -18.42 -0.38 13.73
N GLN A 42 -17.78 -1.50 14.05
CA GLN A 42 -16.83 -1.52 15.15
C GLN A 42 -15.40 -1.43 14.66
N GLU A 43 -15.09 -2.20 13.63
CA GLU A 43 -13.73 -2.26 13.09
C GLU A 43 -13.19 -0.97 12.51
N LEU A 44 -13.99 -0.28 11.69
CA LEU A 44 -13.52 0.97 11.10
C LEU A 44 -13.17 2.00 12.18
N PRO A 45 -14.03 2.17 13.20
CA PRO A 45 -13.73 3.14 14.26
C PRO A 45 -12.45 2.74 15.00
N VAL A 46 -12.22 1.45 15.17
CA VAL A 46 -11.03 0.96 15.84
C VAL A 46 -9.78 1.35 15.04
N ARG A 47 -9.80 1.05 13.75
CA ARG A 47 -8.65 1.38 12.87
C ARG A 47 -8.44 2.86 12.73
N LEU A 48 -9.53 3.61 12.56
CA LEU A 48 -9.44 5.07 12.45
C LEU A 48 -8.82 5.66 13.71
N ALA A 49 -9.39 5.29 14.86
CA ALA A 49 -8.91 5.78 16.15
C ALA A 49 -7.46 5.44 16.41
N ASN A 50 -7.06 4.20 16.11
CA ASN A 50 -5.68 3.77 16.34
C ASN A 50 -4.67 4.66 15.60
N ILE A 51 -4.89 4.91 14.32
CA ILE A 51 -3.95 5.75 13.61
C ILE A 51 -4.08 7.23 14.04
N MET A 52 -5.29 7.64 14.43
CA MET A 52 -5.48 9.02 14.88
C MET A 52 -4.76 9.27 16.19
N LYS A 53 -4.76 8.27 17.07
CA LYS A 53 -4.09 8.39 18.37
C LYS A 53 -2.59 8.57 18.11
N GLU A 54 -2.07 7.89 17.10
CA GLU A 54 -0.65 7.98 16.80
C GLU A 54 -0.31 9.33 16.16
N ILE A 55 -1.19 9.83 15.31
CA ILE A 55 -0.98 11.12 14.67
C ILE A 55 -0.86 12.21 15.72
N ASN A 56 -1.71 12.16 16.75
CA ASN A 56 -1.66 13.16 17.82
C ASN A 56 -0.41 13.02 18.68
N LEU A 57 0.38 11.98 18.43
CA LEU A 57 1.59 11.76 19.20
C LEU A 57 2.81 12.37 18.49
N LEU A 58 2.56 13.02 17.35
CA LEU A 58 3.62 13.64 16.58
C LEU A 58 4.01 14.97 17.22
N PRO A 59 5.26 15.40 17.02
CA PRO A 59 5.76 16.66 17.56
C PRO A 59 4.82 17.79 17.17
N ASP A 60 4.72 18.82 18.00
CA ASP A 60 3.83 19.93 17.67
C ASP A 60 4.23 20.65 16.40
N ARG A 61 5.52 20.72 16.11
CA ARG A 61 5.98 21.39 14.89
C ARG A 61 5.53 20.64 13.64
N VAL A 62 5.11 19.39 13.82
CA VAL A 62 4.64 18.59 12.70
C VAL A 62 3.12 18.62 12.70
N LEU A 63 2.55 18.45 13.88
CA LEU A 63 1.10 18.46 14.08
C LEU A 63 0.40 19.75 13.62
N SER A 64 0.95 20.89 14.00
CA SER A 64 0.34 22.16 13.65
C SER A 64 0.45 22.55 12.19
N THR A 65 1.18 21.79 11.37
CA THR A 65 1.29 22.13 9.96
C THR A 65 -0.10 22.00 9.33
N PRO A 66 -0.40 22.86 8.35
CA PRO A 66 -1.70 22.80 7.69
C PRO A 66 -2.08 21.42 7.13
N SER A 67 -1.12 20.73 6.53
CA SER A 67 -1.38 19.43 5.93
C SER A 67 -1.83 18.36 6.92
N VAL A 68 -1.07 18.18 7.99
CA VAL A 68 -1.41 17.18 8.99
C VAL A 68 -2.74 17.50 9.67
N GLN A 69 -2.99 18.79 9.92
CA GLN A 69 -4.25 19.14 10.57
C GLN A 69 -5.41 18.90 9.61
N LEU A 70 -5.18 19.11 8.32
CA LEU A 70 -6.23 18.90 7.35
C LEU A 70 -6.66 17.42 7.26
N VAL A 71 -5.71 16.50 7.07
CA VAL A 71 -6.13 15.10 6.98
C VAL A 71 -6.60 14.61 8.34
N GLN A 72 -6.02 15.15 9.42
CA GLN A 72 -6.45 14.76 10.76
C GLN A 72 -7.92 15.15 10.93
N SER A 73 -8.36 16.14 10.16
CA SER A 73 -9.76 16.55 10.25
C SER A 73 -10.62 15.63 9.40
N TRP A 74 -10.09 15.13 8.29
CA TRP A 74 -10.86 14.20 7.46
C TRP A 74 -11.13 12.95 8.30
N TYR A 75 -10.10 12.47 8.98
CA TYR A 75 -10.25 11.28 9.81
C TYR A 75 -11.30 11.50 10.90
N VAL A 76 -11.25 12.66 11.55
CA VAL A 76 -12.22 12.99 12.60
C VAL A 76 -13.62 12.91 12.02
N GLN A 77 -13.82 13.60 10.91
CA GLN A 77 -15.12 13.61 10.27
C GLN A 77 -15.56 12.20 9.85
N SER A 78 -14.64 11.43 9.30
CA SER A 78 -14.98 10.07 8.89
C SER A 78 -15.41 9.22 10.08
N LEU A 79 -14.72 9.40 11.20
CA LEU A 79 -15.03 8.67 12.43
C LEU A 79 -16.46 8.99 12.90
N LEU A 80 -16.80 10.27 12.97
CA LEU A 80 -18.13 10.69 13.41
C LEU A 80 -19.19 10.18 12.43
N ASP A 81 -18.87 10.21 11.14
CA ASP A 81 -19.80 9.71 10.13
C ASP A 81 -20.21 8.27 10.41
N ILE A 82 -19.26 7.44 10.84
CA ILE A 82 -19.57 6.05 11.13
C ILE A 82 -20.24 5.82 12.48
N MET A 83 -19.88 6.63 13.47
CA MET A 83 -20.48 6.54 14.80
C MET A 83 -22.01 6.48 14.65
N GLU A 84 -22.54 7.38 13.82
CA GLU A 84 -23.95 7.50 13.54
C GLU A 84 -24.72 6.18 13.42
N PHE A 85 -24.00 5.09 13.23
CA PHE A 85 -24.64 3.79 13.05
C PHE A 85 -24.52 2.81 14.22
N LEU A 86 -23.75 3.15 15.24
CA LEU A 86 -23.59 2.26 16.37
C LEU A 86 -24.91 1.84 17.01
N ASP A 87 -25.79 2.81 17.26
CA ASP A 87 -27.07 2.54 17.88
C ASP A 87 -28.20 2.39 16.85
N LYS A 88 -27.83 1.97 15.65
CA LYS A 88 -28.79 1.74 14.57
C LYS A 88 -28.95 0.23 14.47
N ASP A 89 -30.03 -0.23 13.86
CA ASP A 89 -30.25 -1.66 13.75
C ASP A 89 -30.36 -2.18 12.33
N PRO A 90 -29.70 -3.30 12.04
CA PRO A 90 -29.79 -3.88 10.71
C PRO A 90 -31.25 -4.31 10.61
N GLU A 91 -31.61 -5.01 9.55
CA GLU A 91 -32.99 -5.45 9.33
C GLU A 91 -33.63 -4.37 8.47
N ASP A 92 -33.35 -3.12 8.81
CA ASP A 92 -33.88 -2.00 8.05
C ASP A 92 -32.96 -1.85 6.84
N HIS A 93 -33.49 -2.18 5.67
CA HIS A 93 -32.73 -2.11 4.43
C HIS A 93 -32.41 -0.67 4.03
N ARG A 94 -32.65 0.26 4.95
CA ARG A 94 -32.37 1.66 4.70
C ARG A 94 -31.13 2.00 5.52
N THR A 95 -31.01 1.38 6.70
CA THR A 95 -29.87 1.60 7.56
C THR A 95 -28.63 1.14 6.79
N LEU A 96 -28.68 -0.08 6.27
CA LEU A 96 -27.59 -0.65 5.49
C LEU A 96 -27.25 0.19 4.27
N SER A 97 -28.29 0.63 3.57
CA SER A 97 -28.11 1.44 2.37
C SER A 97 -27.39 2.75 2.64
N GLN A 98 -27.78 3.46 3.69
CA GLN A 98 -27.13 4.72 4.00
C GLN A 98 -25.73 4.51 4.57
N PHE A 99 -25.45 3.28 4.99
CA PHE A 99 -24.12 2.95 5.52
C PHE A 99 -23.18 2.87 4.33
N THR A 100 -23.64 2.22 3.26
CA THR A 100 -22.84 2.11 2.06
C THR A 100 -22.56 3.51 1.53
N ASP A 101 -23.59 4.34 1.50
CA ASP A 101 -23.44 5.71 1.03
C ASP A 101 -22.37 6.39 1.88
N ALA A 102 -22.46 6.18 3.19
CA ALA A 102 -21.53 6.75 4.13
C ALA A 102 -20.08 6.38 3.82
N LEU A 103 -19.86 5.12 3.46
CA LEU A 103 -18.52 4.64 3.15
C LEU A 103 -17.93 5.27 1.89
N VAL A 104 -18.72 5.32 0.81
CA VAL A 104 -18.25 5.91 -0.42
C VAL A 104 -17.84 7.37 -0.21
N THR A 105 -18.66 8.10 0.55
CA THR A 105 -18.37 9.49 0.84
C THR A 105 -17.08 9.60 1.65
N ILE A 106 -16.87 8.68 2.58
CA ILE A 106 -15.65 8.70 3.37
C ILE A 106 -14.46 8.45 2.43
N ARG A 107 -14.61 7.47 1.56
CA ARG A 107 -13.57 7.11 0.59
C ARG A 107 -13.14 8.32 -0.23
N ASN A 108 -14.10 9.07 -0.74
CA ASN A 108 -13.81 10.24 -1.56
C ASN A 108 -13.09 11.29 -0.73
N ARG A 109 -13.62 11.52 0.46
CA ARG A 109 -13.04 12.50 1.36
C ARG A 109 -11.52 12.31 1.52
N HIS A 110 -11.08 11.05 1.59
CA HIS A 110 -9.67 10.70 1.76
C HIS A 110 -8.88 10.45 0.49
N ASN A 111 -9.51 10.63 -0.66
CA ASN A 111 -8.83 10.38 -1.91
C ASN A 111 -7.48 11.05 -2.11
N ASP A 112 -7.27 12.21 -1.52
CA ASP A 112 -5.99 12.90 -1.70
C ASP A 112 -5.08 12.89 -0.49
N VAL A 113 -5.20 11.87 0.35
CA VAL A 113 -4.37 11.79 1.55
C VAL A 113 -2.88 11.72 1.24
N VAL A 114 -2.51 10.87 0.28
CA VAL A 114 -1.09 10.72 -0.05
C VAL A 114 -0.44 12.04 -0.45
N PRO A 115 -0.86 12.67 -1.56
CA PRO A 115 -0.22 13.94 -1.91
C PRO A 115 -0.26 14.99 -0.79
N THR A 116 -1.38 15.05 -0.07
CA THR A 116 -1.52 16.01 1.02
C THR A 116 -0.44 15.80 2.07
N MET A 117 -0.24 14.54 2.47
CA MET A 117 0.79 14.25 3.46
C MET A 117 2.18 14.51 2.87
N ALA A 118 2.35 14.26 1.57
CA ALA A 118 3.63 14.49 0.92
C ALA A 118 3.99 15.98 1.03
N GLN A 119 2.97 16.83 0.97
CA GLN A 119 3.16 18.27 1.08
C GLN A 119 3.70 18.58 2.47
N GLY A 120 3.32 17.79 3.46
CA GLY A 120 3.80 17.99 4.81
C GLY A 120 5.28 17.67 4.92
N VAL A 121 5.71 16.67 4.16
CA VAL A 121 7.12 16.27 4.17
C VAL A 121 7.99 17.35 3.55
N LEU A 122 7.55 17.89 2.41
CA LEU A 122 8.30 18.93 1.74
C LEU A 122 8.40 20.13 2.67
N GLU A 123 7.31 20.47 3.31
CA GLU A 123 7.29 21.59 4.23
C GLU A 123 8.31 21.36 5.35
N TYR A 124 8.28 20.17 5.93
CA TYR A 124 9.19 19.85 7.02
C TYR A 124 10.66 19.91 6.58
N LYS A 125 10.96 19.43 5.38
CA LYS A 125 12.35 19.44 4.88
C LYS A 125 12.92 20.87 4.82
N ASP A 126 12.11 21.83 4.38
CA ASP A 126 12.58 23.20 4.29
C ASP A 126 12.45 23.97 5.60
N THR A 127 11.50 23.56 6.43
CA THR A 127 11.28 24.23 7.68
C THR A 127 12.21 23.76 8.79
N TYR A 128 12.70 22.52 8.71
CA TYR A 128 13.57 21.98 9.74
C TYR A 128 14.78 21.20 9.25
N GLY A 129 14.80 20.82 7.97
CA GLY A 129 15.94 20.10 7.45
C GLY A 129 15.72 18.63 7.14
N ASP A 130 16.73 18.02 6.52
CA ASP A 130 16.66 16.61 6.13
C ASP A 130 17.71 15.71 6.78
N ASP A 131 17.82 15.76 8.10
CA ASP A 131 18.78 14.93 8.83
C ASP A 131 18.28 13.47 8.87
N PRO A 132 19.19 12.51 9.08
CA PRO A 132 18.86 11.08 9.13
C PRO A 132 17.78 10.70 10.14
N VAL A 133 17.78 11.37 11.30
CA VAL A 133 16.80 11.07 12.33
C VAL A 133 15.40 11.55 11.94
N SER A 134 15.34 12.62 11.15
CA SER A 134 14.05 13.14 10.69
C SER A 134 13.53 12.16 9.65
N ASN A 135 14.45 11.62 8.85
CA ASN A 135 14.12 10.66 7.81
C ASN A 135 13.56 9.38 8.40
N GLN A 136 14.16 8.94 9.49
CA GLN A 136 13.77 7.73 10.17
C GLN A 136 12.37 7.82 10.78
N ASN A 137 12.06 8.96 11.39
CA ASN A 137 10.75 9.16 12.01
C ASN A 137 9.66 9.31 10.96
N ILE A 138 9.97 10.04 9.90
CA ILE A 138 9.02 10.23 8.83
C ILE A 138 8.75 8.85 8.23
N GLN A 139 9.82 8.11 7.96
CA GLN A 139 9.72 6.77 7.41
C GLN A 139 8.90 5.85 8.29
N TYR A 140 9.15 5.93 9.59
CA TYR A 140 8.45 5.10 10.56
C TYR A 140 6.96 5.43 10.55
N PHE A 141 6.63 6.71 10.69
CA PHE A 141 5.24 7.15 10.73
C PHE A 141 4.47 6.94 9.42
N LEU A 142 5.05 7.31 8.29
CA LEU A 142 4.34 7.15 7.03
C LEU A 142 4.09 5.70 6.63
N ASP A 143 5.01 4.80 6.96
CA ASP A 143 4.77 3.40 6.61
C ASP A 143 3.54 2.89 7.35
N ARG A 144 3.45 3.23 8.63
CA ARG A 144 2.30 2.80 9.43
C ARG A 144 1.02 3.48 8.97
N PHE A 145 1.07 4.80 8.82
CA PHE A 145 -0.10 5.57 8.41
C PHE A 145 -0.64 5.09 7.07
N TYR A 146 0.22 5.03 6.06
CA TYR A 146 -0.22 4.60 4.75
C TYR A 146 -0.69 3.15 4.76
N LEU A 147 0.00 2.26 5.47
CA LEU A 147 -0.43 0.86 5.51
C LEU A 147 -1.81 0.77 6.18
N SER A 148 -1.99 1.54 7.26
CA SER A 148 -3.27 1.54 7.95
C SER A 148 -4.36 1.95 6.96
N ARG A 149 -4.07 3.00 6.17
CA ARG A 149 -5.03 3.50 5.18
C ARG A 149 -5.37 2.47 4.12
N ILE A 150 -4.34 1.80 3.61
CA ILE A 150 -4.53 0.77 2.61
C ILE A 150 -5.53 -0.27 3.12
N SER A 151 -5.41 -0.66 4.40
CA SER A 151 -6.31 -1.66 4.98
C SER A 151 -7.75 -1.15 5.18
N ILE A 152 -7.89 0.14 5.52
CA ILE A 152 -9.21 0.70 5.71
C ILE A 152 -9.89 0.75 4.36
N ARG A 153 -9.13 1.13 3.33
CA ARG A 153 -9.68 1.21 1.99
C ARG A 153 -10.08 -0.19 1.50
N MET A 154 -9.35 -1.20 1.93
CA MET A 154 -9.66 -2.59 1.56
C MET A 154 -11.04 -2.94 2.12
N LEU A 155 -11.19 -2.80 3.43
CA LEU A 155 -12.47 -3.11 4.06
C LEU A 155 -13.61 -2.40 3.33
N ILE A 156 -13.48 -1.09 3.17
CA ILE A 156 -14.49 -0.29 2.49
C ILE A 156 -14.79 -0.75 1.06
N ASN A 157 -13.75 -0.99 0.27
CA ASN A 157 -13.96 -1.42 -1.11
C ASN A 157 -14.68 -2.76 -1.15
N GLN A 158 -14.31 -3.67 -0.25
CA GLN A 158 -14.95 -4.97 -0.20
C GLN A 158 -16.44 -4.83 0.06
N HIS A 159 -16.80 -3.98 1.01
CA HIS A 159 -18.20 -3.78 1.33
C HIS A 159 -18.99 -3.09 0.20
N THR A 160 -18.48 -1.97 -0.31
CA THR A 160 -19.22 -1.26 -1.35
C THR A 160 -19.32 -2.00 -2.67
N LEU A 161 -18.25 -2.66 -3.10
CA LEU A 161 -18.25 -3.41 -4.35
C LEU A 161 -19.18 -4.62 -4.32
N ILE A 162 -19.24 -5.30 -3.19
CA ILE A 162 -20.07 -6.49 -3.07
C ILE A 162 -21.53 -6.20 -2.80
N PHE A 163 -21.80 -5.27 -1.89
CA PHE A 163 -23.17 -4.95 -1.56
C PHE A 163 -23.68 -3.74 -2.34
N ASP A 164 -23.66 -3.94 -3.65
CA ASP A 164 -24.10 -2.95 -4.63
C ASP A 164 -25.57 -3.22 -4.88
N PRO A 172 -21.06 -14.97 -8.96
CA PRO A 172 -20.11 -13.90 -9.28
C PRO A 172 -18.68 -14.44 -9.07
N LYS A 173 -17.84 -14.35 -10.10
CA LYS A 173 -16.48 -14.88 -10.07
C LYS A 173 -15.52 -14.06 -9.21
N HIS A 174 -15.62 -12.73 -9.21
CA HIS A 174 -14.72 -11.93 -8.39
C HIS A 174 -15.41 -11.67 -7.08
N ILE A 175 -14.67 -11.64 -5.97
CA ILE A 175 -15.28 -11.34 -4.69
C ILE A 175 -14.80 -9.94 -4.32
N GLY A 176 -15.45 -8.94 -4.89
CA GLY A 176 -15.06 -7.57 -4.63
C GLY A 176 -13.79 -7.28 -5.41
N SER A 177 -12.75 -6.82 -4.73
CA SER A 177 -11.49 -6.53 -5.38
C SER A 177 -10.59 -7.78 -5.39
N ILE A 178 -11.09 -8.88 -4.84
CA ILE A 178 -10.32 -10.13 -4.77
C ILE A 178 -10.66 -11.10 -5.90
N ASP A 179 -9.63 -11.60 -6.56
CA ASP A 179 -9.80 -12.57 -7.64
C ASP A 179 -9.23 -13.87 -7.07
N PRO A 180 -10.10 -14.86 -6.81
CA PRO A 180 -9.65 -16.14 -6.25
C PRO A 180 -8.90 -16.98 -7.29
N ASN A 181 -8.83 -16.46 -8.51
CA ASN A 181 -8.15 -17.16 -9.59
C ASN A 181 -7.29 -16.24 -10.44
N CYS A 182 -6.63 -15.31 -9.75
CA CYS A 182 -5.76 -14.33 -10.36
C CYS A 182 -4.59 -14.95 -11.13
N ASN A 183 -4.53 -14.69 -12.43
CA ASN A 183 -3.44 -15.20 -13.27
C ASN A 183 -2.38 -14.12 -13.23
N VAL A 184 -1.32 -14.37 -12.47
CA VAL A 184 -0.25 -13.39 -12.31
C VAL A 184 0.32 -12.84 -13.60
N SER A 185 0.66 -13.71 -14.54
CA SER A 185 1.23 -13.26 -15.81
C SER A 185 0.32 -12.31 -16.57
N GLU A 186 -0.99 -12.51 -16.44
CA GLU A 186 -1.93 -11.63 -17.13
C GLU A 186 -1.86 -10.23 -16.54
N VAL A 187 -1.66 -10.14 -15.22
CA VAL A 187 -1.56 -8.84 -14.59
C VAL A 187 -0.22 -8.20 -14.95
N VAL A 188 0.82 -9.01 -15.10
CA VAL A 188 2.13 -8.51 -15.47
C VAL A 188 2.05 -7.84 -16.84
N LYS A 189 1.42 -8.52 -17.81
CA LYS A 189 1.27 -7.99 -19.17
C LYS A 189 0.48 -6.69 -19.16
N ASP A 190 -0.65 -6.68 -18.44
CA ASP A 190 -1.49 -5.48 -18.35
C ASP A 190 -0.67 -4.28 -17.90
N ALA A 191 0.06 -4.43 -16.79
CA ALA A 191 0.87 -3.34 -16.27
C ALA A 191 1.97 -2.96 -17.27
N TYR A 192 2.55 -3.96 -17.93
CA TYR A 192 3.60 -3.69 -18.91
C TYR A 192 2.99 -2.85 -20.04
N ASP A 193 1.87 -3.32 -20.59
CA ASP A 193 1.21 -2.60 -21.68
C ASP A 193 0.94 -1.12 -21.36
N MET A 194 0.49 -0.82 -20.14
CA MET A 194 0.23 0.57 -19.76
C MET A 194 1.53 1.33 -19.69
N ALA A 195 2.55 0.73 -19.11
CA ALA A 195 3.84 1.39 -18.99
C ALA A 195 4.40 1.69 -20.38
N LYS A 196 4.33 0.70 -21.27
CA LYS A 196 4.81 0.83 -22.63
C LYS A 196 4.11 2.01 -23.34
N LEU A 197 2.80 2.10 -23.19
CA LEU A 197 2.04 3.17 -23.80
C LEU A 197 2.64 4.52 -23.42
N LEU A 198 2.81 4.73 -22.12
CA LEU A 198 3.37 5.98 -21.62
C LEU A 198 4.81 6.16 -22.09
N CYS A 199 5.57 5.08 -22.00
CA CYS A 199 6.97 5.10 -22.40
C CYS A 199 7.13 5.55 -23.86
N ASP A 200 6.27 5.05 -24.74
CA ASP A 200 6.33 5.43 -26.16
C ASP A 200 5.97 6.90 -26.38
N LYS A 201 5.01 7.42 -25.62
CA LYS A 201 4.61 8.82 -25.78
C LYS A 201 5.71 9.80 -25.42
N TYR A 202 6.47 9.47 -24.38
CA TYR A 202 7.53 10.34 -23.91
C TYR A 202 8.90 10.07 -24.53
N TYR A 203 9.23 8.81 -24.77
CA TYR A 203 10.53 8.47 -25.33
C TYR A 203 10.50 8.01 -26.79
N MET A 204 9.32 7.75 -27.32
CA MET A 204 9.23 7.29 -28.70
C MET A 204 10.16 6.10 -28.90
N ALA A 205 10.18 5.24 -27.88
CA ALA A 205 10.98 4.02 -27.85
C ALA A 205 10.68 3.32 -26.52
N SER A 206 10.66 1.99 -26.52
CA SER A 206 10.38 1.24 -25.31
C SER A 206 10.90 -0.17 -25.41
N PRO A 207 11.41 -0.73 -24.31
CA PRO A 207 11.93 -2.10 -24.37
C PRO A 207 10.78 -3.08 -24.41
N ASP A 208 11.05 -4.27 -24.93
CA ASP A 208 10.05 -5.31 -25.00
C ASP A 208 9.95 -6.07 -23.69
N LEU A 209 9.02 -7.03 -23.64
CA LEU A 209 8.82 -7.83 -22.46
C LEU A 209 9.00 -9.31 -22.71
N GLU A 210 9.61 -9.99 -21.74
CA GLU A 210 9.80 -11.42 -21.82
C GLU A 210 9.29 -11.93 -20.48
N ILE A 211 8.40 -12.90 -20.53
CA ILE A 211 7.86 -13.45 -19.30
C ILE A 211 8.16 -14.93 -19.28
N GLN A 212 8.57 -15.40 -18.11
CA GLN A 212 8.87 -16.80 -17.93
C GLN A 212 8.35 -17.18 -16.55
N GLU A 213 7.63 -18.29 -16.45
CA GLU A 213 7.19 -18.70 -15.14
C GLU A 213 7.68 -20.08 -14.75
N ILE A 214 7.86 -20.27 -13.45
CA ILE A 214 8.35 -21.52 -12.88
C ILE A 214 7.36 -22.10 -11.88
N ASN A 215 6.52 -23.02 -12.33
CA ASN A 215 5.58 -23.64 -11.40
C ASN A 215 6.33 -24.88 -10.93
N ALA A 216 6.98 -24.76 -9.78
CA ALA A 216 7.79 -25.84 -9.22
C ALA A 216 7.11 -27.20 -9.07
N ALA A 217 5.92 -27.21 -8.46
CA ALA A 217 5.17 -28.45 -8.23
C ALA A 217 4.39 -28.94 -9.44
N ASN A 218 4.02 -28.02 -10.34
CA ASN A 218 3.27 -28.38 -11.54
C ASN A 218 3.82 -27.67 -12.77
N SER A 219 4.97 -28.17 -13.21
CA SER A 219 5.73 -27.67 -14.36
C SER A 219 5.08 -26.75 -15.39
N LYS A 220 4.12 -27.23 -16.18
CA LYS A 220 3.54 -26.36 -17.19
C LYS A 220 2.13 -25.84 -16.91
N GLN A 221 1.68 -25.92 -15.66
CA GLN A 221 0.36 -25.41 -15.35
C GLN A 221 0.43 -23.91 -15.06
N PRO A 222 -0.46 -23.12 -15.67
CA PRO A 222 -0.44 -21.67 -15.44
C PRO A 222 -0.50 -21.33 -13.95
N ILE A 223 0.27 -20.33 -13.54
CA ILE A 223 0.33 -19.92 -12.14
C ILE A 223 -0.82 -18.98 -11.77
N HIS A 224 -1.64 -19.40 -10.81
CA HIS A 224 -2.78 -18.63 -10.32
C HIS A 224 -2.68 -18.49 -8.81
N MET A 225 -3.38 -17.49 -8.26
CA MET A 225 -3.37 -17.28 -6.82
C MET A 225 -4.60 -16.47 -6.41
N VAL A 226 -4.87 -16.46 -5.11
CA VAL A 226 -5.98 -15.70 -4.57
C VAL A 226 -5.33 -14.37 -4.17
N TYR A 227 -5.72 -13.27 -4.82
CA TYR A 227 -5.12 -11.98 -4.49
C TYR A 227 -5.96 -10.80 -4.93
N VAL A 228 -5.53 -9.59 -4.56
CA VAL A 228 -6.23 -8.38 -4.95
C VAL A 228 -5.47 -7.88 -6.16
N PRO A 229 -5.97 -8.23 -7.38
CA PRO A 229 -5.29 -7.82 -8.61
C PRO A 229 -4.90 -6.36 -8.77
N SER A 230 -5.73 -5.43 -8.30
CA SER A 230 -5.38 -4.03 -8.45
C SER A 230 -4.15 -3.69 -7.62
N HIS A 231 -3.98 -4.36 -6.48
CA HIS A 231 -2.80 -4.13 -5.65
C HIS A 231 -1.55 -4.60 -6.42
N LEU A 232 -1.68 -5.76 -7.07
CA LEU A 232 -0.57 -6.34 -7.83
C LEU A 232 -0.24 -5.45 -9.02
N TYR A 233 -1.27 -4.93 -9.67
CA TYR A 233 -1.12 -4.03 -10.82
C TYR A 233 -0.33 -2.79 -10.38
N HIS A 234 -0.77 -2.15 -9.31
CA HIS A 234 -0.12 -0.95 -8.80
C HIS A 234 1.39 -1.17 -8.65
N MET A 235 1.78 -2.24 -7.97
CA MET A 235 3.19 -2.53 -7.75
C MET A 235 3.93 -2.74 -9.08
N LEU A 236 3.44 -3.65 -9.91
CA LEU A 236 4.06 -3.94 -11.21
C LEU A 236 4.16 -2.70 -12.10
N PHE A 237 3.11 -1.89 -12.13
CA PHE A 237 3.12 -0.68 -12.93
C PHE A 237 4.25 0.26 -12.48
N GLU A 238 4.40 0.42 -11.18
CA GLU A 238 5.45 1.27 -10.64
C GLU A 238 6.83 0.76 -11.04
N LEU A 239 7.02 -0.57 -10.93
CA LEU A 239 8.29 -1.16 -11.27
C LEU A 239 8.58 -1.11 -12.76
N PHE A 240 7.56 -1.30 -13.60
CA PHE A 240 7.77 -1.25 -15.04
C PHE A 240 8.16 0.17 -15.46
N LYS A 241 7.57 1.18 -14.82
CA LYS A 241 7.89 2.56 -15.17
C LYS A 241 9.35 2.88 -14.92
N ASN A 242 9.89 2.46 -13.78
CA ASN A 242 11.29 2.71 -13.46
C ASN A 242 12.22 1.93 -14.37
N ALA A 243 11.89 0.66 -14.59
CA ALA A 243 12.70 -0.20 -15.43
C ALA A 243 12.77 0.32 -16.87
N MET A 244 11.66 0.84 -17.37
CA MET A 244 11.64 1.37 -18.74
C MET A 244 12.45 2.64 -18.85
N ARG A 245 12.19 3.57 -17.94
CA ARG A 245 12.91 4.84 -17.94
C ARG A 245 14.42 4.59 -17.89
N ALA A 246 14.86 3.82 -16.92
CA ALA A 246 16.28 3.50 -16.76
C ALA A 246 16.85 2.84 -18.02
N THR A 247 16.12 1.90 -18.59
CA THR A 247 16.58 1.21 -19.79
C THR A 247 16.72 2.17 -20.97
N VAL A 248 15.70 2.98 -21.19
CA VAL A 248 15.71 3.94 -22.28
C VAL A 248 16.80 4.99 -22.13
N GLU A 249 16.86 5.66 -20.99
CA GLU A 249 17.85 6.69 -20.78
C GLU A 249 19.31 6.24 -20.80
N SER A 250 19.58 5.03 -20.31
CA SER A 250 20.94 4.51 -20.28
C SER A 250 21.39 3.99 -21.65
N HIS A 251 20.47 4.02 -22.63
CA HIS A 251 20.78 3.53 -23.98
C HIS A 251 20.44 4.46 -25.11
N GLU A 252 20.30 5.73 -24.82
CA GLU A 252 19.94 6.69 -25.89
C GLU A 252 21.06 7.05 -26.83
N SER A 253 22.15 6.28 -26.81
CA SER A 253 23.28 6.48 -27.69
C SER A 253 23.73 5.14 -28.17
N SER A 254 22.93 4.15 -27.83
CA SER A 254 23.15 2.80 -28.25
C SER A 254 21.87 2.64 -29.06
N LEU A 255 21.72 1.55 -29.79
CA LEU A 255 20.50 1.37 -30.57
C LEU A 255 19.75 0.14 -30.08
N ILE A 256 20.48 -0.75 -29.44
CA ILE A 256 19.84 -1.92 -28.90
C ILE A 256 19.18 -1.38 -27.63
N LEU A 257 18.01 -1.90 -27.35
CA LEU A 257 17.25 -1.51 -26.19
C LEU A 257 16.91 -2.86 -25.61
N PRO A 258 17.62 -3.29 -24.55
CA PRO A 258 17.30 -4.61 -24.00
C PRO A 258 15.92 -4.75 -23.37
N PRO A 259 15.38 -5.96 -23.43
CA PRO A 259 14.07 -6.18 -22.84
C PRO A 259 14.08 -6.30 -21.33
N ILE A 260 12.88 -6.18 -20.78
CA ILE A 260 12.64 -6.30 -19.39
C ILE A 260 12.17 -7.74 -19.25
N LYS A 261 12.91 -8.51 -18.45
CA LYS A 261 12.59 -9.91 -18.25
C LYS A 261 11.94 -10.10 -16.90
N VAL A 262 10.80 -10.79 -16.91
CA VAL A 262 10.04 -11.03 -15.69
C VAL A 262 9.85 -12.51 -15.44
N MET A 263 10.18 -12.94 -14.23
CA MET A 263 10.00 -14.33 -13.87
C MET A 263 8.96 -14.45 -12.76
N VAL A 264 8.02 -15.37 -12.95
CA VAL A 264 6.98 -15.62 -11.98
C VAL A 264 7.23 -17.04 -11.50
N ALA A 265 7.66 -17.16 -10.24
CA ALA A 265 7.96 -18.45 -9.63
C ALA A 265 6.98 -18.78 -8.52
N LEU A 266 6.48 -20.01 -8.53
CA LEU A 266 5.54 -20.46 -7.51
C LEU A 266 6.20 -21.56 -6.71
N GLY A 267 6.47 -21.30 -5.44
CA GLY A 267 7.09 -22.28 -4.57
C GLY A 267 6.06 -22.80 -3.59
N GLU A 268 6.49 -23.60 -2.62
CA GLU A 268 5.57 -24.15 -1.62
C GLU A 268 4.86 -23.08 -0.81
N GLU A 269 5.54 -21.97 -0.52
CA GLU A 269 4.87 -20.92 0.22
C GLU A 269 5.02 -19.53 -0.40
N ASP A 270 6.01 -19.35 -1.27
CA ASP A 270 6.21 -18.06 -1.92
C ASP A 270 5.76 -18.08 -3.37
N LEU A 271 5.21 -16.95 -3.81
CA LEU A 271 4.85 -16.75 -5.20
C LEU A 271 5.67 -15.48 -5.44
N SER A 272 6.79 -15.62 -6.14
CA SER A 272 7.69 -14.49 -6.38
C SER A 272 7.69 -13.98 -7.80
N ILE A 273 7.81 -12.65 -7.95
CA ILE A 273 7.84 -12.01 -9.26
C ILE A 273 9.07 -11.13 -9.38
N LYS A 274 10.02 -11.54 -10.21
CA LYS A 274 11.22 -10.76 -10.41
C LYS A 274 11.14 -10.01 -11.74
N MET A 275 11.50 -8.73 -11.72
CA MET A 275 11.52 -7.91 -12.91
C MET A 275 12.96 -7.44 -13.08
N SER A 276 13.63 -7.95 -14.10
CA SER A 276 15.03 -7.62 -14.38
C SER A 276 15.19 -6.69 -15.56
N ASP A 277 15.98 -5.63 -15.38
CA ASP A 277 16.26 -4.68 -16.45
C ASP A 277 17.76 -4.45 -16.59
N ARG A 278 18.18 -3.96 -17.74
CA ARG A 278 19.58 -3.65 -17.96
C ARG A 278 19.63 -2.14 -18.12
N GLY A 279 19.01 -1.46 -17.16
CA GLY A 279 18.92 -0.01 -17.18
C GLY A 279 20.11 0.74 -16.62
N GLY A 280 21.25 0.06 -16.47
CA GLY A 280 22.44 0.72 -15.97
C GLY A 280 22.68 0.50 -14.49
N GLY A 281 21.63 0.18 -13.75
CA GLY A 281 21.78 -0.07 -12.34
C GLY A 281 21.94 1.20 -11.54
N VAL A 282 22.06 1.04 -10.22
CA VAL A 282 22.22 2.16 -9.30
C VAL A 282 23.22 1.73 -8.22
N PRO A 283 24.08 2.67 -7.74
CA PRO A 283 25.05 2.32 -6.70
C PRO A 283 24.32 1.90 -5.44
N LEU A 284 24.85 0.91 -4.74
CA LEU A 284 24.22 0.42 -3.52
C LEU A 284 23.79 1.51 -2.54
N ARG A 285 24.59 2.57 -2.38
CA ARG A 285 24.21 3.61 -1.43
C ARG A 285 22.96 4.41 -1.76
N LYS A 286 22.62 4.52 -3.04
CA LYS A 286 21.42 5.27 -3.40
C LYS A 286 20.17 4.41 -3.29
N ILE A 287 20.34 3.09 -3.35
CA ILE A 287 19.20 2.18 -3.26
C ILE A 287 18.41 2.47 -1.99
N GLU A 288 19.13 2.56 -0.89
CA GLU A 288 18.53 2.82 0.41
C GLU A 288 17.64 4.08 0.40
N ARG A 289 18.02 5.08 -0.38
CA ARG A 289 17.26 6.33 -0.45
C ARG A 289 16.03 6.25 -1.36
N LEU A 290 16.01 5.27 -2.26
CA LEU A 290 14.89 5.09 -3.16
C LEU A 290 13.59 4.72 -2.43
N PHE A 291 13.70 4.18 -1.22
CA PHE A 291 12.49 3.82 -0.49
C PHE A 291 12.08 4.84 0.57
N SER A 292 12.88 5.90 0.71
CA SER A 292 12.61 6.95 1.69
C SER A 292 11.65 8.04 1.22
N TYR A 293 10.58 8.26 1.97
CA TYR A 293 9.63 9.30 1.60
C TYR A 293 10.32 10.65 1.55
N MET A 294 11.16 10.92 2.54
CA MET A 294 11.86 12.20 2.62
C MET A 294 12.91 12.42 1.55
N TYR A 295 13.90 11.53 1.47
CA TYR A 295 14.97 11.66 0.49
C TYR A 295 14.41 11.63 -0.93
N SER A 296 13.20 11.13 -1.11
CA SER A 296 12.61 11.07 -2.44
C SER A 296 11.46 12.07 -2.62
N THR A 297 11.63 13.26 -2.06
CA THR A 297 10.64 14.33 -2.14
C THR A 297 11.31 15.62 -2.60
N ALA A 298 10.61 16.39 -3.44
CA ALA A 298 11.15 17.64 -3.97
C ALA A 298 10.01 18.58 -4.39
N PRO A 299 10.33 19.84 -4.75
CA PRO A 299 11.64 20.49 -4.77
C PRO A 299 12.34 20.54 -3.42
N GLY A 314 8.52 10.44 -6.81
CA GLY A 314 7.32 10.26 -6.02
C GLY A 314 7.44 9.13 -5.02
N TYR A 315 6.31 8.73 -4.44
CA TYR A 315 6.32 7.65 -3.44
C TYR A 315 5.91 6.28 -3.98
N GLY A 316 6.05 6.09 -5.30
CA GLY A 316 5.69 4.83 -5.92
C GLY A 316 6.34 3.60 -5.31
N LEU A 317 7.65 3.63 -5.09
CA LEU A 317 8.34 2.49 -4.52
C LEU A 317 7.96 2.20 -3.06
N PRO A 318 8.15 3.17 -2.16
CA PRO A 318 7.78 2.90 -0.77
C PRO A 318 6.34 2.44 -0.58
N ILE A 319 5.41 3.07 -1.29
CA ILE A 319 4.00 2.70 -1.16
C ILE A 319 3.71 1.34 -1.79
N SER A 320 4.38 1.04 -2.91
CA SER A 320 4.20 -0.26 -3.54
C SER A 320 4.68 -1.34 -2.55
N ARG A 321 5.75 -1.06 -1.82
CA ARG A 321 6.27 -2.03 -0.87
C ARG A 321 5.24 -2.27 0.24
N LEU A 322 4.50 -1.24 0.62
CA LEU A 322 3.47 -1.40 1.64
C LEU A 322 2.37 -2.32 1.14
N TYR A 323 1.94 -2.15 -0.12
CA TYR A 323 0.90 -3.03 -0.67
C TYR A 323 1.36 -4.50 -0.60
N ALA A 324 2.65 -4.73 -0.83
CA ALA A 324 3.18 -6.08 -0.78
C ALA A 324 3.20 -6.59 0.67
N LYS A 325 3.59 -5.71 1.59
CA LYS A 325 3.65 -6.10 2.98
C LYS A 325 2.25 -6.32 3.53
N TYR A 326 1.29 -5.61 2.97
CA TYR A 326 -0.09 -5.70 3.44
C TYR A 326 -0.60 -7.12 3.68
N PHE A 327 -0.29 -8.04 2.77
CA PHE A 327 -0.71 -9.44 2.94
C PHE A 327 0.48 -10.36 3.20
N GLN A 328 1.41 -9.89 4.03
CA GLN A 328 2.59 -10.65 4.43
C GLN A 328 3.63 -10.88 3.33
N GLY A 329 3.68 -9.98 2.36
CA GLY A 329 4.66 -10.11 1.30
C GLY A 329 5.71 -9.05 1.50
N ASP A 330 6.53 -8.81 0.50
CA ASP A 330 7.58 -7.80 0.59
C ASP A 330 7.93 -7.38 -0.84
N LEU A 331 8.75 -6.35 -0.97
CA LEU A 331 9.18 -5.89 -2.29
C LEU A 331 10.60 -5.40 -2.08
N GLN A 332 11.56 -5.98 -2.79
CA GLN A 332 12.96 -5.61 -2.62
C GLN A 332 13.65 -5.25 -3.92
N LEU A 333 14.72 -4.46 -3.81
CA LEU A 333 15.49 -4.05 -4.97
C LEU A 333 16.96 -4.37 -4.78
N PHE A 334 17.61 -4.74 -5.87
CA PHE A 334 19.05 -4.97 -5.85
C PHE A 334 19.53 -4.82 -7.26
N SER A 335 20.45 -3.90 -7.48
CA SER A 335 20.99 -3.72 -8.81
C SER A 335 22.47 -3.95 -8.80
N MET A 336 23.04 -3.82 -9.99
CA MET A 336 24.45 -3.99 -10.25
C MET A 336 24.82 -2.70 -10.96
N GLU A 337 25.50 -1.79 -10.29
CA GLU A 337 25.85 -0.55 -10.96
C GLU A 337 26.64 -0.88 -12.21
N GLY A 338 26.24 -0.29 -13.33
CA GLY A 338 26.94 -0.53 -14.59
C GLY A 338 26.24 -1.58 -15.43
N PHE A 339 25.19 -2.18 -14.89
CA PHE A 339 24.48 -3.21 -15.63
C PHE A 339 22.96 -3.08 -15.61
N GLY A 340 22.35 -3.42 -14.48
CA GLY A 340 20.90 -3.35 -14.39
C GLY A 340 20.37 -3.55 -12.99
N THR A 341 19.05 -3.66 -12.87
CA THR A 341 18.44 -3.83 -11.57
C THR A 341 17.39 -4.93 -11.52
N ASP A 342 17.38 -5.65 -10.39
CA ASP A 342 16.39 -6.70 -10.18
C ASP A 342 15.43 -6.21 -9.11
N ALA A 343 14.14 -6.27 -9.40
CA ALA A 343 13.13 -5.88 -8.44
C ALA A 343 12.29 -7.14 -8.24
N VAL A 344 12.05 -7.49 -6.99
CA VAL A 344 11.29 -8.68 -6.70
C VAL A 344 10.12 -8.41 -5.79
N ILE A 345 8.96 -8.95 -6.17
CA ILE A 345 7.76 -8.83 -5.35
C ILE A 345 7.53 -10.20 -4.75
N TYR A 346 7.51 -10.28 -3.43
CA TYR A 346 7.28 -11.54 -2.73
C TYR A 346 5.86 -11.55 -2.17
N LEU A 347 5.07 -12.55 -2.59
CA LEU A 347 3.70 -12.71 -2.12
C LEU A 347 3.56 -14.08 -1.48
N LYS A 348 2.57 -14.27 -0.63
CA LYS A 348 2.34 -15.58 -0.03
C LYS A 348 1.57 -16.38 -1.07
N ALA A 349 2.03 -17.59 -1.38
CA ALA A 349 1.35 -18.43 -2.36
C ALA A 349 0.00 -18.93 -1.87
N LEU A 350 -0.10 -19.22 -0.58
CA LEU A 350 -1.34 -19.76 -0.02
C LEU A 350 -2.30 -18.73 0.62
N SER A 351 -3.60 -18.91 0.40
CA SER A 351 -4.57 -17.98 0.96
C SER A 351 -4.59 -18.07 2.48
N THR A 352 -4.15 -19.21 3.03
CA THR A 352 -4.12 -19.36 4.47
C THR A 352 -3.02 -18.50 5.10
N ASP A 353 -1.96 -18.22 4.34
CA ASP A 353 -0.86 -17.40 4.85
C ASP A 353 -1.05 -15.92 4.54
N SER A 354 -2.11 -15.60 3.81
CA SER A 354 -2.38 -14.22 3.43
C SER A 354 -3.29 -13.56 4.46
N VAL A 355 -2.67 -12.92 5.44
CA VAL A 355 -3.41 -12.25 6.48
C VAL A 355 -2.94 -10.80 6.57
N GLU A 356 -3.90 -9.88 6.72
CA GLU A 356 -3.58 -8.47 6.82
C GLU A 356 -2.43 -8.20 7.80
N ARG A 357 -1.54 -7.29 7.43
CA ARG A 357 -0.46 -6.86 8.31
C ARG A 357 -0.92 -5.46 8.70
N LEU A 358 -1.22 -5.27 9.98
CA LEU A 358 -1.71 -3.98 10.46
C LEU A 358 -0.89 -3.39 11.59
N PRO A 359 -0.75 -2.06 11.61
CA PRO A 359 0.02 -1.43 12.69
C PRO A 359 -0.90 -1.17 13.89
N VAL A 360 -0.35 -1.18 15.10
CA VAL A 360 -1.16 -0.93 16.30
C VAL A 360 -0.49 0.04 17.24
N TYR A 361 -1.32 0.84 17.92
CA TYR A 361 -0.84 1.83 18.88
C TYR A 361 -0.48 1.16 20.20
N ASN A 362 0.78 1.31 20.61
CA ASN A 362 1.26 0.72 21.86
C ASN A 362 2.36 1.55 22.49
N LYS A 363 2.83 1.10 23.64
CA LYS A 363 3.92 1.78 24.32
C LYS A 363 5.16 1.39 23.53
N SER A 364 5.02 0.31 22.77
CA SER A 364 6.09 -0.19 21.92
C SER A 364 6.26 0.81 20.77
N ALA A 365 5.13 1.27 20.25
CA ALA A 365 5.13 2.25 19.18
C ALA A 365 5.37 3.66 19.71
N TRP A 366 4.95 3.86 20.95
CA TRP A 366 5.15 5.14 21.62
C TRP A 366 6.66 5.40 21.69
N ARG A 367 7.44 4.39 22.12
CA ARG A 367 8.89 4.51 22.25
C ARG A 367 9.69 4.55 20.98
N HIS A 368 9.04 4.50 19.82
CA HIS A 368 9.77 4.50 18.57
C HIS A 368 10.03 5.91 18.04
N TYR A 369 9.44 6.88 18.73
CA TYR A 369 9.58 8.30 18.39
C TYR A 369 10.43 9.02 19.42
N GLN A 370 11.18 8.26 20.19
CA GLN A 370 12.02 8.84 21.22
C GLN A 370 13.47 8.98 20.80
N THR A 371 13.73 8.79 19.51
CA THR A 371 15.07 8.88 18.99
C THR A 371 15.72 10.20 19.44
N ILE A 372 16.87 10.07 20.09
CA ILE A 372 17.62 11.19 20.61
C ILE A 372 19.05 11.08 20.07
N GLN A 373 19.16 10.79 18.77
CA GLN A 373 20.44 10.63 18.11
C GLN A 373 21.40 11.81 18.21
N GLU A 374 22.68 11.47 18.35
CA GLU A 374 23.77 12.44 18.47
C GLU A 374 25.03 11.65 18.82
N ALA A 375 25.63 11.03 17.80
CA ALA A 375 26.83 10.20 17.93
C ALA A 375 26.45 8.72 17.95
N GLY A 376 26.82 7.99 16.90
CA GLY A 376 26.48 6.58 16.81
C GLY A 376 27.38 5.59 17.53
N ASP A 377 27.14 4.31 17.27
CA ASP A 377 27.89 3.21 17.88
C ASP A 377 29.06 2.73 17.02
N TRP A 378 29.17 3.25 15.80
CA TRP A 378 30.25 2.89 14.89
C TRP A 378 31.02 4.17 14.56
N CYS A 379 32.30 4.04 14.21
CA CYS A 379 33.11 5.21 13.86
C CYS A 379 33.81 5.05 12.52
N VAL A 380 35.06 5.16 12.48
C1 TF3 B . 9.52 13.66 13.58
C2 TF3 B . 9.29 12.88 14.76
C3 TF3 B . 10.77 14.36 13.49
O1 TF3 B . 8.50 13.67 12.61
C4 TF3 B . 10.26 12.79 15.80
CL1 TF3 B . 7.81 11.99 14.97
C5 TF3 B . 11.75 14.28 14.52
C6 TF3 B . 8.71 14.45 11.43
C7 TF3 B . 11.50 13.49 15.69
C8 TF3 B . 7.51 14.35 10.50
C9 TF3 B . 12.53 13.40 16.80
C10 TF3 B . 7.41 15.20 9.37
C11 TF3 B . 6.50 13.39 10.73
C12 TF3 B . 12.25 14.39 17.93
C13 TF3 B . 6.31 15.10 8.49
C14 TF3 B . 5.40 13.30 9.86
N1 TF3 B . 11.15 14.07 18.66
O2 TF3 B . 12.97 15.36 18.11
C15 TF3 B . 5.28 14.15 8.73
C16 TF3 B . 10.68 14.88 19.80
C17 TF3 B . 4.08 14.01 7.81
C18 TF3 B . 9.64 15.90 19.34
C19 TF3 B . 3.72 15.35 7.14
C20 TF3 B . 4.36 12.93 6.76
N2 TF3 B . 8.92 16.52 20.46
#